data_1FRB
#
_entry.id   1FRB
#
_cell.length_a   59.450
_cell.length_b   65.380
_cell.length_c   90.290
_cell.angle_alpha   90.00
_cell.angle_beta   90.00
_cell.angle_gamma   90.00
#
_symmetry.space_group_name_H-M   'P 21 21 21'
#
loop_
_entity.id
_entity.type
_entity.pdbx_description
1 polymer 'FR-1 PROTEIN'
2 non-polymer 'NADPH DIHYDRO-NICOTINAMIDE-ADENINE-DINUCLEOTIDE PHOSPHATE'
3 non-polymer '3,4-DIHYDRO-4-OXO-3-((5-TRIFLUOROMETHYL-2-BENZOTHIAZOLYL)METHYL)-1-PHTHALAZINE ACETIC ACID'
4 water water
#
_entity_poly.entity_id   1
_entity_poly.type   'polypeptide(L)'
_entity_poly.pdbx_seq_one_letter_code
;ATFVELSTKAKMPIVGLGTWKSPPNQVKEAVKAAIDAGYRHIDCAYAYCNENEVGEAIQEKIKEKAVQREDLFIVSKLWP
TCFEKKLLKEAFQKTLTDLKLDYLDLYLIHWPQGLQPGKELFPKDDQGRILTSKTTFLEAWEGMEELVDQGLVKALGVSN
FNHFQIERLLNKPGLKHKPVTNQVECHPYLTQEKLIQYCHSKGISVTAYSPLGSPDRPSAKPEDPSLLEDPKIKEIAAKH
EKTSAQVLIRFHIQRNVVVIPKSVTPSRIQENIQVFDFQLSDEEMATILSFNRNWRACLLPETVNMEEYPYDAEY
;
_entity_poly.pdbx_strand_id   A
#
loop_
_chem_comp.id
_chem_comp.type
_chem_comp.name
_chem_comp.formula
NDP non-polymer 'NADPH DIHYDRO-NICOTINAMIDE-ADENINE-DINUCLEOTIDE PHOSPHATE' 'C21 H30 N7 O17 P3'
ZST non-polymer '3,4-DIHYDRO-4-OXO-3-((5-TRIFLUOROMETHYL-2-BENZOTHIAZOLYL)METHYL)-1-PHTHALAZINE ACETIC ACID' 'C19 H12 F3 N3 O3 S'
#
# COMPACT_ATOMS: atom_id res chain seq x y z
N ALA A 1 -3.64 -0.90 18.78
CA ALA A 1 -2.42 -1.71 18.80
C ALA A 1 -1.43 -1.26 17.73
N THR A 2 -0.17 -1.67 17.85
CA THR A 2 0.88 -1.25 16.93
C THR A 2 1.10 -2.19 15.73
N PHE A 3 0.25 -3.20 15.58
CA PHE A 3 0.38 -4.16 14.50
C PHE A 3 -0.98 -4.78 14.19
N VAL A 4 -1.06 -5.43 13.04
CA VAL A 4 -2.25 -6.17 12.62
C VAL A 4 -1.82 -7.59 12.34
N GLU A 5 -2.43 -8.54 13.04
CA GLU A 5 -2.07 -9.92 12.84
C GLU A 5 -2.53 -10.49 11.51
N LEU A 6 -1.61 -11.03 10.72
CA LEU A 6 -1.98 -11.63 9.45
C LEU A 6 -2.44 -13.06 9.66
N SER A 7 -3.01 -13.67 8.60
CA SER A 7 -3.49 -15.05 8.72
C SER A 7 -2.34 -16.03 8.93
N THR A 8 -1.13 -15.64 8.54
CA THR A 8 0.05 -16.48 8.70
C THR A 8 0.60 -16.38 10.12
N LYS A 9 -0.02 -15.54 10.94
CA LYS A 9 0.40 -15.28 12.31
C LYS A 9 1.54 -14.25 12.35
N ALA A 10 1.99 -13.75 11.19
CA ALA A 10 3.02 -12.73 11.20
C ALA A 10 2.38 -11.40 11.61
N LYS A 11 3.09 -10.59 12.39
CA LYS A 11 2.54 -9.31 12.82
C LYS A 11 3.00 -8.16 11.93
N MET A 12 2.06 -7.59 11.18
CA MET A 12 2.38 -6.48 10.29
C MET A 12 2.34 -5.14 11.02
N PRO A 13 3.45 -4.41 11.19
CA PRO A 13 3.43 -3.13 11.87
C PRO A 13 2.30 -2.27 11.30
N ILE A 14 1.51 -1.63 12.18
CA ILE A 14 0.34 -0.92 11.71
C ILE A 14 0.63 0.40 11.02
N VAL A 15 1.75 1.06 11.32
CA VAL A 15 2.11 2.29 10.61
C VAL A 15 3.35 2.02 9.76
N GLY A 16 3.28 2.18 8.44
CA GLY A 16 4.46 1.97 7.62
C GLY A 16 4.80 3.24 6.86
N LEU A 17 5.97 3.30 6.21
CA LEU A 17 6.35 4.49 5.46
C LEU A 17 6.10 4.31 3.97
N GLY A 18 5.26 5.17 3.41
CA GLY A 18 4.96 5.11 1.98
C GLY A 18 6.13 5.71 1.22
N THR A 19 6.40 5.22 0.00
CA THR A 19 7.52 5.75 -0.78
C THR A 19 7.16 6.20 -2.20
N TRP A 20 5.90 6.11 -2.64
CA TRP A 20 5.58 6.60 -3.98
C TRP A 20 5.81 8.11 -4.03
N LYS A 21 6.40 8.58 -5.13
CA LYS A 21 6.74 9.98 -5.35
C LYS A 21 7.98 10.44 -4.59
N SER A 22 8.53 9.64 -3.65
CA SER A 22 9.73 10.06 -2.96
C SER A 22 10.90 9.99 -3.95
N PRO A 23 11.64 11.06 -4.15
CA PRO A 23 12.67 11.06 -5.20
C PRO A 23 13.85 10.19 -4.81
N PRO A 24 14.52 9.55 -5.79
CA PRO A 24 15.65 8.67 -5.50
C PRO A 24 16.73 9.35 -4.68
N ASN A 25 16.82 10.68 -4.80
CA ASN A 25 17.81 11.47 -4.08
C ASN A 25 17.51 11.60 -2.60
N GLN A 26 16.20 11.55 -2.27
CA GLN A 26 15.76 11.77 -0.91
C GLN A 26 15.22 10.56 -0.18
N VAL A 27 14.92 9.46 -0.86
CA VAL A 27 14.32 8.36 -0.13
C VAL A 27 15.26 7.63 0.83
N LYS A 28 16.56 7.57 0.58
CA LYS A 28 17.42 6.86 1.51
C LYS A 28 17.42 7.50 2.91
N GLU A 29 17.60 8.81 2.99
CA GLU A 29 17.63 9.43 4.31
C GLU A 29 16.24 9.43 4.92
N ALA A 30 15.19 9.46 4.10
CA ALA A 30 13.84 9.45 4.67
C ALA A 30 13.56 8.09 5.32
N VAL A 31 14.03 7.00 4.70
CA VAL A 31 13.82 5.67 5.30
C VAL A 31 14.68 5.52 6.56
N LYS A 32 15.87 6.12 6.59
CA LYS A 32 16.71 6.05 7.77
C LYS A 32 16.05 6.84 8.90
N ALA A 33 15.45 8.00 8.58
CA ALA A 33 14.78 8.78 9.62
C ALA A 33 13.55 8.04 10.13
N ALA A 34 12.87 7.30 9.24
CA ALA A 34 11.69 6.56 9.67
C ALA A 34 12.10 5.41 10.60
N ILE A 35 13.19 4.71 10.29
CA ILE A 35 13.60 3.62 11.15
C ILE A 35 14.02 4.17 12.51
N ASP A 36 14.62 5.36 12.53
CA ASP A 36 15.02 5.95 13.80
C ASP A 36 13.78 6.37 14.60
N ALA A 37 12.71 6.74 13.90
CA ALA A 37 11.47 7.16 14.53
C ALA A 37 10.61 5.99 15.00
N GLY A 38 11.08 4.74 14.78
CA GLY A 38 10.32 3.59 15.24
C GLY A 38 9.63 2.83 14.13
N TYR A 39 9.59 3.38 12.91
CA TYR A 39 8.94 2.65 11.80
C TYR A 39 9.65 1.31 11.62
N ARG A 40 8.88 0.26 11.34
CA ARG A 40 9.44 -1.07 11.11
C ARG A 40 8.81 -1.68 9.87
N HIS A 41 8.10 -0.87 9.09
CA HIS A 41 7.40 -1.33 7.90
C HIS A 41 7.55 -0.30 6.78
N ILE A 42 8.11 -0.69 5.62
CA ILE A 42 8.28 0.21 4.49
C ILE A 42 7.54 -0.30 3.26
N ASP A 43 6.60 0.50 2.75
CA ASP A 43 5.86 0.10 1.57
C ASP A 43 6.65 0.55 0.34
N CYS A 44 6.95 -0.37 -0.56
CA CYS A 44 7.72 -0.05 -1.74
C CYS A 44 7.02 -0.55 -2.99
N ALA A 45 7.63 -0.31 -4.16
CA ALA A 45 7.11 -0.84 -5.41
C ALA A 45 8.05 -0.60 -6.59
N TYR A 46 8.21 -1.66 -7.38
CA TYR A 46 9.00 -1.60 -8.60
C TYR A 46 8.63 -0.35 -9.39
N ALA A 47 7.34 0.02 -9.40
CA ALA A 47 6.88 1.19 -10.16
C ALA A 47 7.26 2.53 -9.55
N TYR A 48 7.72 2.54 -8.30
CA TYR A 48 8.10 3.80 -7.69
C TYR A 48 9.48 4.28 -8.11
N CYS A 49 10.26 3.41 -8.79
CA CYS A 49 11.59 3.76 -9.31
C CYS A 49 12.57 4.32 -8.29
N ASN A 50 12.52 3.81 -7.07
CA ASN A 50 13.44 4.26 -6.03
C ASN A 50 13.77 3.13 -5.06
N GLU A 51 13.51 1.86 -5.43
CA GLU A 51 13.82 0.74 -4.52
C GLU A 51 15.30 0.60 -4.22
N ASN A 52 16.16 0.94 -5.17
CA ASN A 52 17.59 0.85 -4.91
C ASN A 52 17.97 1.67 -3.69
N GLU A 53 17.47 2.92 -3.62
CA GLU A 53 17.79 3.81 -2.51
C GLU A 53 17.14 3.36 -1.22
N VAL A 54 15.90 2.84 -1.28
CA VAL A 54 15.30 2.33 -0.09
C VAL A 54 16.20 1.19 0.44
N GLY A 55 16.76 0.39 -0.49
CA GLY A 55 17.63 -0.71 -0.11
C GLY A 55 18.87 -0.22 0.61
N GLU A 56 19.44 0.89 0.12
CA GLU A 56 20.63 1.46 0.73
C GLU A 56 20.37 1.83 2.18
N ALA A 57 19.18 2.35 2.47
CA ALA A 57 18.85 2.76 3.81
C ALA A 57 18.76 1.56 4.74
N ILE A 58 17.99 0.55 4.33
CA ILE A 58 17.84 -0.65 5.16
C ILE A 58 19.17 -1.31 5.42
N GLN A 59 19.98 -1.39 4.39
CA GLN A 59 21.27 -2.03 4.52
C GLN A 59 22.17 -1.27 5.47
N GLU A 60 22.06 0.06 5.49
CA GLU A 60 22.90 0.82 6.38
C GLU A 60 22.49 0.67 7.84
N LYS A 61 21.17 0.70 8.08
CA LYS A 61 20.68 0.59 9.45
C LYS A 61 20.93 -0.79 10.02
N ILE A 62 20.95 -1.82 9.18
CA ILE A 62 21.25 -3.15 9.67
C ILE A 62 22.76 -3.28 9.90
N LYS A 63 23.55 -2.58 9.09
CA LYS A 63 25.00 -2.64 9.23
C LYS A 63 25.45 -1.84 10.44
N GLU A 64 24.68 -0.82 10.80
CA GLU A 64 25.01 -0.02 11.94
C GLU A 64 24.49 -0.65 13.21
N LYS A 65 23.74 -1.74 13.07
CA LYS A 65 23.20 -2.47 14.21
C LYS A 65 22.06 -1.74 14.93
N ALA A 66 21.36 -0.86 14.20
CA ALA A 66 20.21 -0.17 14.80
C ALA A 66 19.02 -1.15 14.89
N VAL A 67 18.97 -2.11 13.95
CA VAL A 67 17.89 -3.09 13.90
C VAL A 67 18.38 -4.30 13.11
N GLN A 68 17.70 -5.44 13.26
CA GLN A 68 18.01 -6.63 12.49
C GLN A 68 16.98 -6.68 11.37
N ARG A 69 17.20 -7.56 10.39
CA ARG A 69 16.28 -7.67 9.26
C ARG A 69 14.90 -8.13 9.71
N GLU A 70 14.87 -9.07 10.65
CA GLU A 70 13.61 -9.62 11.10
C GLU A 70 12.75 -8.60 11.82
N ASP A 71 13.37 -7.50 12.27
CA ASP A 71 12.57 -6.47 12.93
C ASP A 71 11.75 -5.69 11.90
N LEU A 72 12.13 -5.80 10.63
CA LEU A 72 11.47 -5.03 9.59
C LEU A 72 10.46 -5.84 8.79
N PHE A 73 9.50 -5.12 8.20
CA PHE A 73 8.45 -5.71 7.37
C PHE A 73 8.45 -4.98 6.03
N ILE A 74 9.14 -5.54 5.04
CA ILE A 74 9.25 -4.88 3.75
C ILE A 74 8.24 -5.40 2.75
N VAL A 75 7.57 -4.47 2.08
CA VAL A 75 6.53 -4.79 1.11
C VAL A 75 6.84 -4.25 -0.27
N SER A 76 6.72 -5.07 -1.32
CA SER A 76 6.86 -4.53 -2.66
C SER A 76 5.72 -5.06 -3.50
N LYS A 77 5.66 -4.67 -4.77
CA LYS A 77 4.53 -5.07 -5.59
C LYS A 77 4.96 -5.41 -7.02
N LEU A 78 4.15 -6.27 -7.67
CA LEU A 78 4.37 -6.69 -9.04
C LEU A 78 3.52 -5.83 -9.99
N TRP A 79 4.16 -5.00 -10.81
CA TRP A 79 3.43 -4.15 -11.75
C TRP A 79 2.81 -5.02 -12.85
N PRO A 80 1.65 -4.62 -13.37
CA PRO A 80 0.87 -5.47 -14.26
C PRO A 80 1.48 -5.73 -15.65
N THR A 81 2.56 -5.03 -16.00
CA THR A 81 3.22 -5.29 -17.28
C THR A 81 4.08 -6.55 -17.15
N CYS A 82 4.18 -7.10 -15.92
CA CYS A 82 5.02 -8.26 -15.68
C CYS A 82 4.29 -9.46 -15.12
N PHE A 83 3.02 -9.67 -15.49
CA PHE A 83 2.28 -10.82 -14.99
C PHE A 83 2.80 -12.13 -15.61
N GLU A 84 3.19 -12.11 -16.89
CA GLU A 84 3.72 -13.32 -17.52
C GLU A 84 4.82 -13.90 -16.63
N LYS A 85 4.95 -15.22 -16.56
CA LYS A 85 5.91 -15.82 -15.63
C LYS A 85 7.36 -15.48 -15.87
N LYS A 86 7.82 -15.44 -17.11
CA LYS A 86 9.22 -15.09 -17.34
C LYS A 86 9.49 -13.65 -16.91
N LEU A 87 8.56 -12.75 -17.22
CA LEU A 87 8.72 -11.35 -16.86
C LEU A 87 8.55 -11.14 -15.36
N LEU A 88 7.75 -11.98 -14.73
CA LEU A 88 7.50 -11.88 -13.30
C LEU A 88 8.76 -12.20 -12.53
N LYS A 89 9.48 -13.24 -12.95
CA LYS A 89 10.70 -13.58 -12.26
C LYS A 89 11.74 -12.49 -12.43
N GLU A 90 11.82 -11.89 -13.63
CA GLU A 90 12.82 -10.83 -13.88
C GLU A 90 12.50 -9.55 -13.10
N ALA A 91 11.22 -9.25 -12.94
CA ALA A 91 10.81 -8.05 -12.23
C ALA A 91 11.05 -8.23 -10.75
N PHE A 92 10.65 -9.38 -10.20
CA PHE A 92 10.87 -9.65 -8.78
C PHE A 92 12.35 -9.58 -8.46
N GLN A 93 13.19 -10.17 -9.32
CA GLN A 93 14.62 -10.12 -9.05
C GLN A 93 15.10 -8.69 -9.04
N LYS A 94 14.62 -7.86 -9.96
CA LYS A 94 15.07 -6.49 -9.97
C LYS A 94 14.68 -5.79 -8.68
N THR A 95 13.45 -6.06 -8.17
CA THR A 95 12.97 -5.47 -6.93
C THR A 95 13.77 -5.98 -5.72
N LEU A 96 14.05 -7.31 -5.69
CA LEU A 96 14.78 -7.88 -4.56
C LEU A 96 16.25 -7.46 -4.55
N THR A 97 16.91 -7.42 -5.71
CA THR A 97 18.30 -7.03 -5.72
C THR A 97 18.46 -5.52 -5.54
N ASP A 98 17.47 -4.72 -5.98
CA ASP A 98 17.53 -3.27 -5.75
C ASP A 98 17.41 -3.04 -4.24
N LEU A 99 16.47 -3.75 -3.59
CA LEU A 99 16.31 -3.60 -2.15
C LEU A 99 17.45 -4.24 -1.38
N LYS A 100 18.29 -5.02 -2.07
CA LYS A 100 19.43 -5.68 -1.46
C LYS A 100 19.02 -6.55 -0.28
N LEU A 101 17.93 -7.31 -0.44
CA LEU A 101 17.43 -8.17 0.62
C LEU A 101 17.43 -9.64 0.24
N ASP A 102 17.42 -10.51 1.27
CA ASP A 102 17.32 -11.93 1.05
C ASP A 102 15.87 -12.32 0.73
N TYR A 103 14.90 -11.61 1.32
CA TYR A 103 13.50 -11.92 1.14
C TYR A 103 12.61 -10.72 1.37
N LEU A 104 11.35 -10.79 0.91
CA LEU A 104 10.38 -9.73 1.16
C LEU A 104 9.36 -10.28 2.16
N ASP A 105 8.81 -9.44 3.02
CA ASP A 105 7.80 -9.96 3.94
C ASP A 105 6.47 -10.12 3.25
N LEU A 106 6.22 -9.28 2.24
CA LEU A 106 4.93 -9.30 1.53
C LEU A 106 5.06 -8.78 0.10
N TYR A 107 4.57 -9.55 -0.87
CA TYR A 107 4.62 -9.15 -2.27
C TYR A 107 3.18 -9.06 -2.76
N LEU A 108 2.82 -7.96 -3.42
CA LEU A 108 1.45 -7.77 -3.84
C LEU A 108 1.23 -7.62 -5.31
N ILE A 109 0.11 -8.15 -5.82
CA ILE A 109 -0.25 -7.87 -7.19
C ILE A 109 -0.57 -6.37 -7.13
N HIS A 110 0.09 -5.50 -7.90
CA HIS A 110 -0.12 -4.07 -7.75
C HIS A 110 -1.49 -3.55 -8.20
N TRP A 111 -1.97 -4.01 -9.35
CA TRP A 111 -3.26 -3.60 -9.88
C TRP A 111 -3.81 -4.85 -10.59
N PRO A 112 -5.13 -5.02 -10.71
CA PRO A 112 -5.65 -6.30 -11.20
C PRO A 112 -5.61 -6.44 -12.71
N GLN A 113 -5.47 -5.30 -13.43
CA GLN A 113 -5.47 -5.33 -14.89
C GLN A 113 -4.10 -5.54 -15.47
N GLY A 114 -3.94 -6.60 -16.27
CA GLY A 114 -2.66 -6.84 -16.91
C GLY A 114 -2.42 -5.86 -18.06
N LEU A 115 -1.23 -5.31 -18.13
CA LEU A 115 -0.91 -4.37 -19.19
C LEU A 115 0.13 -4.92 -20.13
N GLN A 116 0.19 -4.36 -21.34
CA GLN A 116 1.14 -4.81 -22.34
C GLN A 116 2.57 -4.86 -21.78
N PRO A 117 3.32 -5.92 -22.07
CA PRO A 117 4.70 -6.00 -21.56
C PRO A 117 5.59 -5.04 -22.29
N GLY A 118 6.69 -4.63 -21.67
CA GLY A 118 7.59 -3.71 -22.32
C GLY A 118 8.37 -2.93 -21.29
N LYS A 119 8.94 -1.80 -21.72
CA LYS A 119 9.73 -0.97 -20.83
C LYS A 119 8.88 0.06 -20.11
N GLU A 120 7.83 0.54 -20.75
CA GLU A 120 6.98 1.54 -20.10
C GLU A 120 6.13 0.93 -19.00
N LEU A 121 5.79 1.75 -18.00
CA LEU A 121 4.90 1.28 -16.94
C LEU A 121 3.48 1.42 -17.49
N PHE A 122 3.27 2.41 -18.37
CA PHE A 122 1.94 2.63 -18.94
C PHE A 122 1.99 2.61 -20.46
N PRO A 123 2.24 1.45 -21.07
CA PRO A 123 2.32 1.36 -22.53
C PRO A 123 1.11 2.07 -23.12
N LYS A 124 1.31 2.79 -24.24
CA LYS A 124 0.18 3.52 -24.80
C LYS A 124 0.23 3.59 -26.30
N ASP A 125 -0.90 3.52 -26.98
CA ASP A 125 -0.83 3.67 -28.41
C ASP A 125 -0.75 5.16 -28.75
N ASP A 126 -0.86 5.53 -30.01
CA ASP A 126 -0.72 6.95 -30.37
C ASP A 126 -1.87 7.84 -29.91
N GLN A 127 -3.06 7.25 -29.70
CA GLN A 127 -4.18 8.05 -29.24
C GLN A 127 -4.27 8.15 -27.72
N GLY A 128 -3.19 7.80 -27.01
CA GLY A 128 -3.21 7.89 -25.55
C GLY A 128 -3.87 6.70 -24.87
N ARG A 129 -4.36 5.72 -25.62
CA ARG A 129 -5.00 4.59 -24.97
C ARG A 129 -4.00 3.66 -24.29
N ILE A 130 -4.17 3.42 -22.98
CA ILE A 130 -3.26 2.51 -22.31
C ILE A 130 -3.49 1.09 -22.82
N LEU A 131 -2.45 0.42 -23.29
CA LEU A 131 -2.60 -0.92 -23.82
C LEU A 131 -2.65 -2.01 -22.77
N THR A 132 -3.68 -2.85 -22.86
CA THR A 132 -3.82 -3.92 -21.90
C THR A 132 -3.29 -5.22 -22.44
N SER A 133 -3.27 -6.23 -21.58
CA SER A 133 -2.84 -7.55 -21.99
C SER A 133 -3.85 -8.57 -21.49
N LYS A 134 -3.82 -9.78 -22.03
CA LYS A 134 -4.78 -10.78 -21.58
C LYS A 134 -4.25 -11.67 -20.47
N THR A 135 -2.97 -11.58 -20.08
CA THR A 135 -2.55 -12.43 -19.00
C THR A 135 -3.07 -11.90 -17.65
N THR A 136 -3.79 -12.80 -16.98
CA THR A 136 -4.47 -12.45 -15.75
C THR A 136 -3.65 -12.47 -14.47
N PHE A 137 -4.27 -11.98 -13.38
CA PHE A 137 -3.61 -11.96 -12.09
C PHE A 137 -3.58 -13.37 -11.52
N LEU A 138 -4.42 -14.29 -12.03
CA LEU A 138 -4.39 -15.66 -11.53
C LEU A 138 -3.13 -16.34 -12.06
N GLU A 139 -2.73 -16.03 -13.28
CA GLU A 139 -1.52 -16.60 -13.82
C GLU A 139 -0.35 -16.02 -13.04
N ALA A 140 -0.36 -14.70 -12.84
CA ALA A 140 0.71 -14.07 -12.09
C ALA A 140 0.76 -14.65 -10.69
N TRP A 141 -0.39 -15.02 -10.11
CA TRP A 141 -0.39 -15.55 -8.74
C TRP A 141 0.42 -16.83 -8.64
N GLU A 142 0.38 -17.67 -9.67
CA GLU A 142 1.12 -18.91 -9.62
C GLU A 142 2.62 -18.63 -9.54
N GLY A 143 3.11 -17.65 -10.31
CA GLY A 143 4.53 -17.30 -10.27
C GLY A 143 4.90 -16.74 -8.91
N MET A 144 3.96 -16.03 -8.27
CA MET A 144 4.22 -15.47 -6.95
C MET A 144 4.24 -16.57 -5.90
N GLU A 145 3.40 -17.60 -6.06
CA GLU A 145 3.38 -18.70 -5.09
C GLU A 145 4.72 -19.44 -5.13
N GLU A 146 5.32 -19.53 -6.31
CA GLU A 146 6.62 -20.17 -6.43
C GLU A 146 7.64 -19.41 -5.59
N LEU A 147 7.61 -18.07 -5.64
CA LEU A 147 8.57 -17.31 -4.86
C LEU A 147 8.43 -17.61 -3.39
N VAL A 148 7.20 -17.86 -2.92
CA VAL A 148 6.99 -18.21 -1.53
C VAL A 148 7.61 -19.57 -1.27
N ASP A 149 7.40 -20.49 -2.19
CA ASP A 149 7.94 -21.82 -2.04
C ASP A 149 9.46 -21.85 -2.12
N GLN A 150 10.04 -20.82 -2.72
CA GLN A 150 11.50 -20.73 -2.83
C GLN A 150 12.09 -20.00 -1.64
N GLY A 151 11.23 -19.57 -0.69
CA GLY A 151 11.70 -18.88 0.50
C GLY A 151 12.15 -17.45 0.24
N LEU A 152 11.69 -16.83 -0.86
CA LEU A 152 12.09 -15.48 -1.14
C LEU A 152 11.05 -14.44 -0.72
N VAL A 153 9.80 -14.88 -0.53
CA VAL A 153 8.72 -13.99 -0.11
C VAL A 153 7.99 -14.70 1.04
N LYS A 154 7.71 -14.05 2.17
CA LYS A 154 7.00 -14.76 3.23
C LYS A 154 5.51 -14.90 2.95
N ALA A 155 4.87 -13.88 2.40
CA ALA A 155 3.46 -13.96 2.14
C ALA A 155 3.08 -13.14 0.92
N LEU A 156 1.87 -13.36 0.39
CA LEU A 156 1.41 -12.67 -0.80
C LEU A 156 0.15 -11.87 -0.48
N GLY A 157 -0.16 -10.91 -1.34
CA GLY A 157 -1.36 -10.13 -1.15
C GLY A 157 -1.75 -9.49 -2.46
N VAL A 158 -2.83 -8.71 -2.44
CA VAL A 158 -3.30 -8.02 -3.62
C VAL A 158 -3.50 -6.55 -3.31
N SER A 159 -3.65 -5.75 -4.35
CA SER A 159 -3.85 -4.33 -4.17
C SER A 159 -4.81 -3.82 -5.24
N ASN A 160 -5.74 -2.94 -4.83
CA ASN A 160 -6.75 -2.37 -5.73
C ASN A 160 -7.70 -3.41 -6.25
N PHE A 161 -7.94 -4.46 -5.46
CA PHE A 161 -8.87 -5.50 -5.87
C PHE A 161 -10.23 -5.28 -5.23
N ASN A 162 -11.32 -5.50 -6.00
CA ASN A 162 -12.64 -5.42 -5.42
C ASN A 162 -13.01 -6.83 -4.94
N HIS A 163 -14.16 -7.03 -4.30
CA HIS A 163 -14.45 -8.35 -3.76
C HIS A 163 -14.70 -9.43 -4.81
N PHE A 164 -15.11 -9.06 -6.02
CA PHE A 164 -15.31 -10.07 -7.06
C PHE A 164 -13.96 -10.62 -7.50
N GLN A 165 -12.95 -9.75 -7.56
CA GLN A 165 -11.60 -10.19 -7.95
C GLN A 165 -10.97 -11.00 -6.83
N ILE A 166 -11.24 -10.67 -5.55
CA ILE A 166 -10.67 -11.48 -4.49
C ILE A 166 -11.35 -12.86 -4.44
N GLU A 167 -12.67 -12.90 -4.76
CA GLU A 167 -13.39 -14.17 -4.78
C GLU A 167 -12.81 -15.08 -5.85
N ARG A 168 -12.46 -14.56 -7.03
CA ARG A 168 -11.89 -15.41 -8.06
C ARG A 168 -10.59 -16.01 -7.60
N LEU A 169 -9.75 -15.18 -6.97
CA LEU A 169 -8.48 -15.68 -6.45
C LEU A 169 -8.67 -16.72 -5.35
N LEU A 170 -9.58 -16.49 -4.41
CA LEU A 170 -9.80 -17.45 -3.33
C LEU A 170 -10.42 -18.74 -3.85
N ASN A 171 -11.09 -18.67 -4.99
CA ASN A 171 -11.72 -19.83 -5.59
C ASN A 171 -10.84 -20.49 -6.66
N LYS A 172 -9.63 -19.97 -6.90
CA LYS A 172 -8.76 -20.50 -7.93
C LYS A 172 -8.44 -21.96 -7.67
N PRO A 173 -8.56 -22.80 -8.70
CA PRO A 173 -8.31 -24.22 -8.54
C PRO A 173 -6.83 -24.47 -8.32
N GLY A 174 -6.51 -25.16 -7.24
CA GLY A 174 -5.12 -25.45 -6.97
C GLY A 174 -4.44 -24.34 -6.18
N LEU A 175 -5.21 -23.36 -5.66
CA LEU A 175 -4.62 -22.29 -4.87
C LEU A 175 -3.70 -22.83 -3.78
N LYS A 176 -2.46 -22.37 -3.75
CA LYS A 176 -1.52 -22.86 -2.75
C LYS A 176 -1.30 -21.89 -1.59
N HIS A 177 -1.28 -20.57 -1.84
CA HIS A 177 -1.10 -19.61 -0.77
C HIS A 177 -2.16 -18.53 -0.88
N LYS A 178 -2.97 -18.35 0.15
CA LYS A 178 -4.02 -17.34 0.08
C LYS A 178 -3.43 -15.95 0.20
N PRO A 179 -4.20 -14.92 -0.21
CA PRO A 179 -3.78 -13.54 -0.03
C PRO A 179 -3.96 -13.17 1.44
N VAL A 180 -3.01 -12.44 2.00
CA VAL A 180 -3.09 -12.07 3.41
C VAL A 180 -3.40 -10.60 3.59
N THR A 181 -3.50 -9.86 2.47
CA THR A 181 -3.72 -8.43 2.52
C THR A 181 -4.33 -7.92 1.23
N ASN A 182 -5.12 -6.84 1.33
CA ASN A 182 -5.61 -6.15 0.15
C ASN A 182 -5.34 -4.68 0.41
N GLN A 183 -4.34 -4.11 -0.27
CA GLN A 183 -3.98 -2.71 -0.10
C GLN A 183 -4.82 -1.81 -1.01
N VAL A 184 -5.61 -0.92 -0.42
CA VAL A 184 -6.48 -0.06 -1.20
C VAL A 184 -6.49 1.34 -0.62
N GLU A 185 -6.98 2.33 -1.38
CA GLU A 185 -7.07 3.68 -0.88
C GLU A 185 -8.11 3.72 0.25
N CYS A 186 -7.80 4.40 1.37
CA CYS A 186 -8.79 4.47 2.44
C CYS A 186 -8.52 5.65 3.36
N HIS A 187 -9.54 6.49 3.58
CA HIS A 187 -9.39 7.67 4.45
C HIS A 187 -10.81 8.14 4.79
N PRO A 188 -11.03 9.29 5.44
CA PRO A 188 -12.40 9.63 5.79
C PRO A 188 -13.29 9.97 4.60
N TYR A 189 -12.72 10.30 3.43
CA TYR A 189 -13.56 10.59 2.27
C TYR A 189 -13.81 9.32 1.44
N LEU A 190 -13.19 8.20 1.79
CA LEU A 190 -13.36 6.92 1.09
C LEU A 190 -13.20 5.85 2.16
N THR A 191 -14.23 5.69 3.01
CA THR A 191 -14.15 4.81 4.17
C THR A 191 -14.09 3.32 3.90
N GLN A 192 -14.53 2.85 2.72
CA GLN A 192 -14.42 1.43 2.37
C GLN A 192 -15.07 0.50 3.40
N GLU A 193 -16.27 0.82 3.89
CA GLU A 193 -16.87 -0.05 4.90
C GLU A 193 -17.19 -1.44 4.40
N LYS A 194 -17.74 -1.57 3.20
CA LYS A 194 -18.09 -2.89 2.73
C LYS A 194 -16.88 -3.70 2.33
N LEU A 195 -15.88 -3.06 1.72
CA LEU A 195 -14.71 -3.81 1.32
C LEU A 195 -13.92 -4.26 2.54
N ILE A 196 -13.86 -3.44 3.60
CA ILE A 196 -13.15 -3.83 4.81
C ILE A 196 -13.89 -4.96 5.53
N GLN A 197 -15.22 -4.94 5.50
CA GLN A 197 -15.98 -5.98 6.15
C GLN A 197 -15.82 -7.31 5.40
N TYR A 198 -15.75 -7.24 4.08
CA TYR A 198 -15.60 -8.44 3.27
C TYR A 198 -14.22 -9.04 3.48
N CYS A 199 -13.17 -8.20 3.43
CA CYS A 199 -11.81 -8.69 3.62
C CYS A 199 -11.63 -9.33 5.00
N HIS A 200 -12.11 -8.69 6.06
CA HIS A 200 -11.98 -9.25 7.40
C HIS A 200 -12.76 -10.54 7.54
N SER A 201 -13.89 -10.66 6.84
CA SER A 201 -14.68 -11.86 6.89
C SER A 201 -13.93 -13.02 6.25
N LYS A 202 -12.99 -12.75 5.35
CA LYS A 202 -12.22 -13.80 4.72
C LYS A 202 -10.84 -13.99 5.38
N GLY A 203 -10.56 -13.25 6.44
CA GLY A 203 -9.27 -13.35 7.14
C GLY A 203 -8.16 -12.54 6.45
N ILE A 204 -8.58 -11.67 5.54
CA ILE A 204 -7.66 -10.82 4.79
C ILE A 204 -7.55 -9.42 5.38
N SER A 205 -6.33 -9.01 5.76
CA SER A 205 -6.17 -7.69 6.31
C SER A 205 -6.24 -6.62 5.24
N VAL A 206 -6.36 -5.36 5.65
CA VAL A 206 -6.41 -4.26 4.72
C VAL A 206 -5.37 -3.21 5.08
N THR A 207 -4.63 -2.74 4.06
CA THR A 207 -3.67 -1.67 4.24
C THR A 207 -4.24 -0.47 3.51
N ALA A 208 -4.40 0.66 4.22
CA ALA A 208 -4.94 1.89 3.65
C ALA A 208 -3.85 2.79 3.06
N TYR A 209 -3.92 3.06 1.75
CA TYR A 209 -2.95 3.96 1.12
C TYR A 209 -3.54 5.37 0.97
N SER A 210 -2.69 6.33 0.58
CA SER A 210 -3.11 7.72 0.46
C SER A 210 -3.98 8.16 1.63
N PRO A 211 -3.55 7.92 2.88
CA PRO A 211 -4.37 8.23 4.06
C PRO A 211 -4.51 9.72 4.26
N LEU A 212 -3.55 10.52 3.76
CA LEU A 212 -3.67 11.97 3.91
C LEU A 212 -4.23 12.63 2.67
N GLY A 213 -4.75 11.84 1.73
CA GLY A 213 -5.33 12.39 0.51
C GLY A 213 -4.33 12.55 -0.63
N SER A 214 -3.07 12.16 -0.42
CA SER A 214 -2.08 12.29 -1.49
C SER A 214 -2.05 13.70 -2.07
N PRO A 215 -1.67 14.71 -1.28
CA PRO A 215 -1.65 16.09 -1.77
C PRO A 215 -0.59 16.29 -2.84
N ASP A 216 0.44 15.45 -2.85
CA ASP A 216 1.47 15.59 -3.86
C ASP A 216 1.27 14.71 -5.08
N ARG A 217 0.07 14.18 -5.28
CA ARG A 217 -0.17 13.33 -6.43
C ARG A 217 -0.08 14.13 -7.71
N PRO A 218 0.39 13.52 -8.79
CA PRO A 218 0.44 14.20 -10.08
C PRO A 218 -0.90 14.79 -10.52
N SER A 219 -0.90 16.05 -10.93
CA SER A 219 -2.13 16.64 -11.42
C SER A 219 -3.23 16.81 -10.38
N ALA A 220 -2.88 17.06 -9.12
CA ALA A 220 -3.90 17.28 -8.12
C ALA A 220 -4.45 18.70 -8.32
N LYS A 221 -5.78 18.85 -8.48
CA LYS A 221 -6.30 20.20 -8.64
C LYS A 221 -6.57 20.79 -7.26
N PRO A 222 -5.91 21.89 -6.94
CA PRO A 222 -5.97 22.45 -5.59
C PRO A 222 -7.37 22.64 -5.02
N GLU A 223 -8.40 22.63 -5.82
CA GLU A 223 -9.72 22.82 -5.24
C GLU A 223 -10.39 21.50 -4.88
N ASP A 224 -9.76 20.38 -5.21
CA ASP A 224 -10.37 19.12 -4.89
C ASP A 224 -10.36 18.91 -3.38
N PRO A 225 -10.93 17.81 -2.87
CA PRO A 225 -11.03 17.59 -1.42
C PRO A 225 -9.68 17.59 -0.71
N SER A 226 -9.60 18.33 0.39
CA SER A 226 -8.37 18.42 1.19
C SER A 226 -8.59 17.94 2.63
N LEU A 227 -8.20 16.69 2.91
CA LEU A 227 -8.36 16.14 4.23
C LEU A 227 -7.52 16.88 5.27
N LEU A 228 -6.32 17.34 4.89
CA LEU A 228 -5.46 18.04 5.84
C LEU A 228 -5.97 19.43 6.17
N GLU A 229 -6.88 19.98 5.36
CA GLU A 229 -7.40 21.30 5.66
C GLU A 229 -8.84 21.24 6.20
N ASP A 230 -9.50 20.08 6.12
CA ASP A 230 -10.87 19.99 6.59
C ASP A 230 -11.01 20.48 8.04
N PRO A 231 -11.83 21.49 8.29
CA PRO A 231 -11.98 22.04 9.63
C PRO A 231 -12.62 21.05 10.59
N LYS A 232 -13.53 20.23 10.08
CA LYS A 232 -14.17 19.23 10.91
C LYS A 232 -13.14 18.24 11.44
N ILE A 233 -12.13 17.91 10.66
CA ILE A 233 -11.10 17.00 11.14
C ILE A 233 -10.14 17.73 12.07
N LYS A 234 -9.95 19.04 11.83
CA LYS A 234 -9.07 19.82 12.67
C LYS A 234 -9.66 19.99 14.05
N GLU A 235 -10.97 20.11 14.12
CA GLU A 235 -11.65 20.26 15.38
C GLU A 235 -11.43 19.04 16.27
N ILE A 236 -11.55 17.83 15.69
CA ILE A 236 -11.35 16.62 16.47
C ILE A 236 -9.88 16.48 16.86
N ALA A 237 -8.97 16.91 16.00
CA ALA A 237 -7.55 16.82 16.33
C ALA A 237 -7.22 17.78 17.47
N ALA A 238 -7.88 18.94 17.49
CA ALA A 238 -7.62 19.91 18.54
C ALA A 238 -8.12 19.41 19.89
N LYS A 239 -9.21 18.63 19.90
CA LYS A 239 -9.73 18.09 21.12
C LYS A 239 -8.71 17.19 21.79
N HIS A 240 -7.79 16.62 21.00
CA HIS A 240 -6.77 15.75 21.54
C HIS A 240 -5.36 16.35 21.52
N GLU A 241 -5.24 17.62 21.12
CA GLU A 241 -3.94 18.27 21.03
C GLU A 241 -3.03 17.56 20.03
N LYS A 242 -3.65 17.03 18.98
CA LYS A 242 -2.95 16.33 17.92
C LYS A 242 -3.20 17.06 16.61
N THR A 243 -2.50 16.69 15.55
CA THR A 243 -2.72 17.35 14.28
C THR A 243 -3.73 16.54 13.46
N SER A 244 -4.18 17.12 12.33
CA SER A 244 -5.13 16.43 11.50
C SER A 244 -4.49 15.18 10.91
N ALA A 245 -3.21 15.24 10.55
CA ALA A 245 -2.56 14.08 9.98
C ALA A 245 -2.51 12.96 11.00
N GLN A 246 -2.30 13.30 12.27
CA GLN A 246 -2.29 12.26 13.32
C GLN A 246 -3.69 11.66 13.50
N VAL A 247 -4.76 12.44 13.34
CA VAL A 247 -6.10 11.89 13.45
C VAL A 247 -6.38 11.01 12.25
N LEU A 248 -5.93 11.44 11.06
CA LEU A 248 -6.14 10.66 9.84
C LEU A 248 -5.44 9.30 9.86
N ILE A 249 -4.37 9.19 10.63
CA ILE A 249 -3.63 7.93 10.73
C ILE A 249 -4.20 7.07 11.86
N ARG A 250 -4.57 7.70 12.97
CA ARG A 250 -5.16 6.98 14.09
C ARG A 250 -6.51 6.38 13.72
N PHE A 251 -7.21 7.01 12.77
CA PHE A 251 -8.51 6.52 12.31
C PHE A 251 -8.40 5.07 11.82
N HIS A 252 -7.37 4.76 11.04
CA HIS A 252 -7.23 3.42 10.52
C HIS A 252 -6.82 2.44 11.61
N ILE A 253 -5.91 2.88 12.49
CA ILE A 253 -5.45 2.04 13.57
C ILE A 253 -6.62 1.55 14.42
N GLN A 254 -7.64 2.39 14.58
CA GLN A 254 -8.78 1.99 15.41
C GLN A 254 -9.77 1.10 14.66
N ARG A 255 -9.50 0.84 13.39
CA ARG A 255 -10.33 -0.06 12.61
C ARG A 255 -9.50 -1.29 12.27
N ASN A 256 -8.41 -1.54 13.03
CA ASN A 256 -7.53 -2.67 12.77
C ASN A 256 -7.06 -2.71 11.32
N VAL A 257 -6.79 -1.52 10.76
CA VAL A 257 -6.32 -1.42 9.38
C VAL A 257 -4.93 -0.76 9.36
N VAL A 258 -3.96 -1.41 8.67
CA VAL A 258 -2.61 -0.89 8.54
C VAL A 258 -2.64 0.39 7.71
N VAL A 259 -1.76 1.35 7.97
CA VAL A 259 -1.81 2.58 7.22
C VAL A 259 -0.39 2.97 6.84
N ILE A 260 -0.18 3.56 5.66
CA ILE A 260 1.18 3.84 5.20
C ILE A 260 1.44 5.25 4.69
N PRO A 261 1.27 6.26 5.52
CA PRO A 261 1.58 7.63 5.10
C PRO A 261 2.97 7.76 4.50
N LYS A 262 3.06 8.61 3.46
CA LYS A 262 4.32 8.87 2.78
C LYS A 262 4.89 10.23 3.16
N SER A 263 6.20 10.29 3.42
CA SER A 263 6.83 11.59 3.68
C SER A 263 8.35 11.51 3.52
N VAL A 264 8.96 12.56 2.95
CA VAL A 264 10.40 12.63 2.85
C VAL A 264 10.84 13.76 3.78
N THR A 265 10.04 14.07 4.80
CA THR A 265 10.38 15.14 5.73
C THR A 265 10.51 14.54 7.11
N PRO A 266 11.70 14.56 7.73
CA PRO A 266 11.91 13.88 9.00
C PRO A 266 10.93 14.28 10.11
N SER A 267 10.61 15.56 10.24
CA SER A 267 9.69 15.96 11.31
C SER A 267 8.29 15.40 11.10
N ARG A 268 7.83 15.29 9.85
CA ARG A 268 6.52 14.75 9.57
C ARG A 268 6.56 13.24 9.78
N ILE A 269 7.65 12.59 9.32
CA ILE A 269 7.79 11.13 9.52
C ILE A 269 7.64 10.81 11.01
N GLN A 270 8.20 11.68 11.87
CA GLN A 270 8.06 11.47 13.31
C GLN A 270 6.63 11.75 13.76
N GLU A 271 6.06 12.86 13.29
CA GLU A 271 4.71 13.25 13.65
C GLU A 271 3.68 12.21 13.28
N ASN A 272 3.91 11.54 12.15
CA ASN A 272 2.96 10.56 11.66
C ASN A 272 2.93 9.26 12.44
N ILE A 273 3.96 8.98 13.24
CA ILE A 273 3.95 7.75 14.01
C ILE A 273 3.73 8.02 15.49
N GLN A 274 3.50 9.29 15.86
CA GLN A 274 3.24 9.62 17.26
C GLN A 274 1.73 9.61 17.45
N VAL A 275 1.16 8.44 17.22
CA VAL A 275 -0.28 8.27 17.27
C VAL A 275 -0.70 7.16 18.22
N PHE A 276 0.13 6.87 19.21
CA PHE A 276 -0.21 5.80 20.12
C PHE A 276 -0.50 6.29 21.53
N ASP A 277 -0.52 7.60 21.76
CA ASP A 277 -0.78 8.07 23.12
C ASP A 277 -2.16 8.69 23.28
N PHE A 278 -3.03 8.52 22.28
CA PHE A 278 -4.38 9.03 22.39
C PHE A 278 -5.33 8.07 21.69
N GLN A 279 -6.63 8.23 21.89
CA GLN A 279 -7.61 7.39 21.23
C GLN A 279 -8.83 8.21 20.84
N LEU A 280 -9.29 8.08 19.59
CA LEU A 280 -10.48 8.76 19.16
C LEU A 280 -11.70 8.07 19.79
N SER A 281 -12.58 8.83 20.41
CA SER A 281 -13.73 8.22 21.03
C SER A 281 -14.62 7.52 20.03
N ASP A 282 -15.61 6.79 20.52
CA ASP A 282 -16.54 6.10 19.63
C ASP A 282 -17.35 7.13 18.86
N GLU A 283 -17.64 8.24 19.51
CA GLU A 283 -18.43 9.26 18.86
C GLU A 283 -17.59 9.94 17.79
N GLU A 284 -16.30 10.11 18.04
CA GLU A 284 -15.45 10.74 17.06
C GLU A 284 -15.24 9.82 15.86
N MET A 285 -15.19 8.51 16.08
CA MET A 285 -15.01 7.57 14.98
C MET A 285 -16.27 7.55 14.11
N ALA A 286 -17.44 7.67 14.72
CA ALA A 286 -18.66 7.66 13.92
C ALA A 286 -18.76 8.94 13.10
N THR A 287 -18.35 10.07 13.69
CA THR A 287 -18.37 11.35 12.98
C THR A 287 -17.43 11.26 11.79
N ILE A 288 -16.20 10.80 12.01
CA ILE A 288 -15.26 10.70 10.90
C ILE A 288 -15.76 9.74 9.82
N LEU A 289 -16.46 8.67 10.22
CA LEU A 289 -16.98 7.72 9.23
C LEU A 289 -18.09 8.35 8.39
N SER A 290 -18.75 9.36 8.95
CA SER A 290 -19.82 10.03 8.24
C SER A 290 -19.27 11.01 7.19
N PHE A 291 -17.96 11.23 7.16
CA PHE A 291 -17.40 12.13 6.18
C PHE A 291 -17.19 11.45 4.82
N ASN A 292 -17.52 10.18 4.69
CA ASN A 292 -17.33 9.50 3.41
C ASN A 292 -17.93 10.25 2.23
N ARG A 293 -17.18 10.29 1.13
CA ARG A 293 -17.60 10.96 -0.10
C ARG A 293 -17.35 10.04 -1.29
N ASN A 294 -16.96 8.77 -1.03
CA ASN A 294 -16.62 7.84 -2.11
C ASN A 294 -15.65 8.51 -3.07
N TRP A 295 -14.73 9.31 -2.50
CA TRP A 295 -13.76 10.05 -3.28
C TRP A 295 -12.39 9.42 -3.36
N ARG A 296 -11.95 9.13 -4.60
CA ARG A 296 -10.63 8.58 -4.88
C ARG A 296 -9.73 9.72 -5.36
N ALA A 297 -8.51 9.81 -4.82
CA ALA A 297 -7.64 10.92 -5.15
C ALA A 297 -6.88 10.88 -6.45
N CYS A 298 -6.67 9.71 -7.05
CA CYS A 298 -5.87 9.66 -8.27
C CYS A 298 -6.48 8.67 -9.26
N LEU A 299 -7.15 9.22 -10.28
CA LEU A 299 -7.80 8.37 -11.24
C LEU A 299 -7.21 8.54 -12.61
N LEU A 300 -7.34 7.49 -13.40
CA LEU A 300 -6.89 7.48 -14.78
C LEU A 300 -8.11 7.13 -15.64
N PRO A 301 -8.80 8.12 -16.20
CA PRO A 301 -10.03 7.88 -16.96
C PRO A 301 -9.85 6.88 -18.08
N GLU A 302 -8.61 6.71 -18.54
CA GLU A 302 -8.35 5.74 -19.60
C GLU A 302 -8.52 4.31 -19.09
N THR A 303 -8.55 4.13 -17.76
CA THR A 303 -8.69 2.78 -17.21
C THR A 303 -10.13 2.37 -16.90
N VAL A 304 -11.09 3.29 -17.08
CA VAL A 304 -12.47 2.99 -16.72
C VAL A 304 -13.14 1.90 -17.54
N ASN A 305 -12.76 1.71 -18.82
CA ASN A 305 -13.42 0.68 -19.60
C ASN A 305 -12.64 -0.64 -19.61
N MET A 306 -11.52 -0.74 -18.88
CA MET A 306 -10.75 -1.96 -18.86
C MET A 306 -11.51 -3.09 -18.22
N GLU A 307 -11.18 -4.30 -18.60
CA GLU A 307 -11.88 -5.46 -18.07
C GLU A 307 -11.74 -5.65 -16.57
N GLU A 308 -10.60 -5.27 -15.99
CA GLU A 308 -10.44 -5.49 -14.56
C GLU A 308 -10.53 -4.20 -13.77
N TYR A 309 -10.94 -3.12 -14.41
CA TYR A 309 -11.09 -1.89 -13.67
C TYR A 309 -11.87 -2.23 -12.41
N PRO A 310 -11.43 -1.79 -11.22
CA PRO A 310 -11.99 -2.33 -9.98
C PRO A 310 -12.98 -1.42 -9.27
N TYR A 311 -13.08 -0.15 -9.67
CA TYR A 311 -13.89 0.80 -8.95
C TYR A 311 -15.40 0.82 -9.21
N ASP A 312 -15.89 0.26 -10.32
CA ASP A 312 -17.33 0.35 -10.53
C ASP A 312 -18.14 -0.74 -9.85
N ALA A 313 -17.48 -1.73 -9.23
CA ALA A 313 -18.24 -2.72 -8.51
C ALA A 313 -18.77 -2.08 -7.23
N GLU A 314 -19.78 -2.69 -6.60
CA GLU A 314 -20.31 -2.14 -5.38
C GLU A 314 -19.18 -2.05 -4.35
N TYR A 315 -18.41 -3.14 -4.25
CA TYR A 315 -17.26 -3.22 -3.36
C TYR A 315 -16.43 -4.40 -3.80
PA NDP B . -0.24 10.30 1.39
O1A NDP B . -1.69 10.39 1.62
O2A NDP B . 0.59 9.49 2.29
O5B NDP B . 0.31 11.81 1.40
C5B NDP B . 1.67 12.17 1.07
C4B NDP B . 1.79 13.69 1.10
O4B NDP B . 1.47 14.16 2.41
C3B NDP B . 3.20 14.18 0.80
O3B NDP B . 3.03 15.38 0.01
C2B NDP B . 3.81 14.50 2.16
O2B NDP B . 4.71 15.62 2.08
C1B NDP B . 2.55 14.95 2.91
N9A NDP B . 2.63 14.76 4.37
C8A NDP B . 3.02 13.65 5.06
N7A NDP B . 2.88 13.74 6.33
C5A NDP B . 2.35 15.03 6.53
C6A NDP B . 1.98 15.75 7.67
N6A NDP B . 2.01 15.25 8.93
N1A NDP B . 1.51 17.02 7.48
C2A NDP B . 1.41 17.49 6.26
N3A NDP B . 1.73 16.90 5.11
C4A NDP B . 2.21 15.65 5.32
O3 NDP B . -0.07 10.04 -0.21
PN NDP B . 0.40 8.69 -0.98
O1N NDP B . 1.86 8.78 -1.20
O2N NDP B . -0.45 8.62 -2.19
O5D NDP B . 0.02 7.39 -0.11
C5D NDP B . 0.95 6.82 0.82
C4D NDP B . 1.63 5.57 0.30
O4D NDP B . 0.66 4.55 -0.05
C3D NDP B . 2.38 5.81 -1.00
O3D NDP B . 3.61 6.52 -0.84
C2D NDP B . 2.54 4.39 -1.50
O2D NDP B . 3.56 3.73 -0.72
C1D NDP B . 1.18 3.79 -1.16
N1N NDP B . 0.22 3.83 -2.30
C2N NDP B . -0.12 2.62 -2.85
C3N NDP B . -0.97 2.62 -4.02
C7N NDP B . -1.35 1.36 -4.66
O7N NDP B . -2.00 1.32 -5.70
N7N NDP B . -0.99 0.20 -4.09
C4N NDP B . -1.42 3.81 -4.51
C5N NDP B . -1.11 4.99 -3.91
C6N NDP B . -0.31 5.00 -2.83
P2B NDP B . 6.30 15.33 2.25
O1X NDP B . 6.59 14.01 1.61
O2X NDP B . 6.90 16.48 1.55
O3X NDP B . 6.58 15.37 3.71
C1 ZST C . -0.73 6.35 -11.17
O1 ZST C . -1.18 6.92 -12.16
C2 ZST C . 0.67 6.12 -10.91
C3 ZST C . 1.08 5.55 -9.69
C4 ZST C . 0.05 5.23 -8.73
C5 ZST C . 1.63 6.44 -11.87
C6 ZST C . 2.96 6.16 -11.64
C7 ZST C . 3.36 5.61 -10.43
C8 ZST C . 2.43 5.31 -9.47
N1 ZST C . -1.58 5.92 -10.18
N2 ZST C . -1.22 5.38 -8.95
C9 ZST C . -3.01 5.82 -10.45
C10 ZST C . -3.27 4.49 -11.16
C11 ZST C . -3.04 2.34 -12.32
C12 ZST C . -4.35 2.76 -12.06
C13 ZST C . -2.80 1.13 -12.98
C14 ZST C . -3.87 0.36 -13.36
C15 ZST C . -5.17 0.77 -13.09
C16 ZST C . -5.44 1.96 -12.46
N3 ZST C . -4.44 4.00 -11.40
S1 ZST C . -1.94 3.49 -11.70
C17 ZST C . 0.40 4.71 -7.37
C18 ZST C . 0.58 3.22 -7.35
O2 ZST C . 0.31 2.57 -8.38
O3 ZST C . 0.98 2.64 -6.31
C19 ZST C . -6.29 -0.19 -13.43
F1 ZST C . -6.21 -1.32 -12.76
F2 ZST C . -6.30 -0.50 -14.72
F3 ZST C . -7.50 0.29 -13.17
#